data_3OOM
#
_entry.id   3OOM
#
_cell.length_a   58.400
_cell.length_b   88.030
_cell.length_c   138.970
_cell.angle_alpha   90.00
_cell.angle_beta   90.00
_cell.angle_gamma   90.00
#
_symmetry.space_group_name_H-M   'C 2 2 21'
#
loop_
_entity.id
_entity.type
_entity.pdbx_description
1 polymer 'Activin receptor type-1'
2 non-polymer 'PHOSPHATE ION'
3 non-polymer 1-{3-[6-(tetrahydro-2H-pyran-4-ylamino)imidazo[1,2-b]pyridazin-3-yl]phenyl}ethanone
4 non-polymer 1,2-ETHANEDIOL
5 water water
#
_entity_poly.entity_id   1
_entity_poly.type   'polypeptide(L)'
_entity_poly.pdbx_seq_one_letter_code
;SMQRTVARDITLLECVGKGRYGEVWRGSWQGENVAVKIFSSRDEKSWFRETELYNTVMLRHENILGFIASDMTSRHSSTQ
LWLITHYHEMGSLYDYLQLTTLDTVSCLRIVLSIASGLAHLHIEIFGTQGKPAIAHRDLKSKNILVKKNGQCCIADLGLA
VMHSQSTNQLDVGNNPRVGTKRYMAPEVLDETIQVDCFDSYKRVDIWAFGLVLWEVARRMVSNGIVEDYKPPFYDVVPND
PSFEDMRKVVCVDQQRPNIPNRWFSDPTLTSLAKLMKECWYQNPSARLTALRIKKTLTKID
;
_entity_poly.pdbx_strand_id   A
#
loop_
_chem_comp.id
_chem_comp.type
_chem_comp.name
_chem_comp.formula
507 non-polymer 1-{3-[6-(tetrahydro-2H-pyran-4-ylamino)imidazo[1,2-b]pyridazin-3-yl]phenyl}ethanone 'C19 H20 N4 O2'
EDO non-polymer 1,2-ETHANEDIOL 'C2 H6 O2'
PO4 non-polymer 'PHOSPHATE ION' 'O4 P -3'
#
# COMPACT_ATOMS: atom_id res chain seq x y z
N THR A 5 8.66 -27.12 10.58
CA THR A 5 8.40 -25.71 10.15
C THR A 5 7.18 -25.11 10.86
N VAL A 6 7.10 -23.79 10.82
CA VAL A 6 5.96 -23.09 11.39
C VAL A 6 4.65 -23.58 10.70
N ALA A 7 4.68 -23.79 9.39
CA ALA A 7 3.49 -24.20 8.63
C ALA A 7 2.85 -25.46 9.17
N ARG A 8 3.67 -26.46 9.46
CA ARG A 8 3.20 -27.78 9.89
C ARG A 8 2.48 -27.67 11.23
N ASP A 9 2.85 -26.65 12.02
CA ASP A 9 2.30 -26.45 13.37
C ASP A 9 1.18 -25.44 13.49
N ILE A 10 0.70 -24.95 12.35
CA ILE A 10 -0.34 -23.94 12.32
C ILE A 10 -1.70 -24.58 12.08
N THR A 11 -2.69 -24.13 12.82
CA THR A 11 -4.09 -24.51 12.59
C THR A 11 -4.80 -23.38 11.91
N LEU A 12 -5.30 -23.63 10.70
CA LEU A 12 -6.06 -22.64 9.95
C LEU A 12 -7.46 -22.60 10.55
N LEU A 13 -7.84 -21.45 11.12
CA LEU A 13 -9.07 -21.34 11.90
C LEU A 13 -10.21 -20.75 11.09
N GLU A 14 -9.90 -19.77 10.23
CA GLU A 14 -10.95 -19.07 9.51
C GLU A 14 -10.38 -18.32 8.32
N CYS A 15 -10.93 -18.58 7.14
CA CYS A 15 -10.49 -17.86 5.95
C CYS A 15 -11.13 -16.49 5.97
N VAL A 16 -10.33 -15.43 5.82
CA VAL A 16 -10.85 -14.07 5.91
C VAL A 16 -10.88 -13.42 4.53
N GLY A 17 -10.30 -14.08 3.54
CA GLY A 17 -10.35 -13.56 2.18
C GLY A 17 -9.89 -14.59 1.16
N LYS A 18 -10.51 -14.56 -0.01
CA LYS A 18 -10.08 -15.39 -1.11
C LYS A 18 -10.30 -14.58 -2.39
N GLY A 19 -9.30 -14.59 -3.26
CA GLY A 19 -9.39 -13.88 -4.54
C GLY A 19 -8.23 -14.19 -5.46
N ARG A 20 -7.97 -13.31 -6.42
CA ARG A 20 -6.87 -13.53 -7.40
C ARG A 20 -5.50 -13.61 -6.72
N TYR A 21 -5.42 -13.03 -5.51
CA TYR A 21 -4.22 -12.99 -4.67
C TYR A 21 -3.94 -14.28 -3.89
N GLY A 22 -4.81 -15.26 -4.00
CA GLY A 22 -4.74 -16.43 -3.17
C GLY A 22 -5.78 -16.42 -2.07
N GLU A 23 -5.34 -16.69 -0.86
CA GLU A 23 -6.25 -16.76 0.30
C GLU A 23 -5.55 -16.15 1.47
N VAL A 24 -6.29 -15.48 2.34
CA VAL A 24 -5.75 -15.08 3.62
C VAL A 24 -6.59 -15.70 4.74
N TRP A 25 -5.89 -16.30 5.72
CA TRP A 25 -6.50 -16.99 6.85
C TRP A 25 -6.08 -16.41 8.20
N ARG A 26 -7.01 -16.43 9.15
CA ARG A 26 -6.68 -16.42 10.56
C ARG A 26 -6.32 -17.85 10.97
N GLY A 27 -5.16 -18.03 11.57
CA GLY A 27 -4.77 -19.31 12.12
C GLY A 27 -4.21 -19.10 13.50
N SER A 28 -3.78 -20.19 14.11
CA SER A 28 -3.09 -20.13 15.40
C SER A 28 -1.75 -20.84 15.31
N TRP A 29 -0.75 -20.25 15.93
CA TRP A 29 0.55 -20.85 16.06
C TRP A 29 0.95 -20.72 17.53
N GLN A 30 1.31 -21.82 18.16
CA GLN A 30 1.50 -21.84 19.61
C GLN A 30 0.34 -21.15 20.33
N GLY A 31 -0.87 -21.42 19.86
CA GLY A 31 -2.07 -20.89 20.45
C GLY A 31 -2.32 -19.40 20.31
N GLU A 32 -1.49 -18.68 19.57
CA GLU A 32 -1.69 -17.25 19.33
C GLU A 32 -2.19 -17.08 17.93
N ASN A 33 -2.97 -16.04 17.72
CA ASN A 33 -3.42 -15.67 16.39
C ASN A 33 -2.30 -15.22 15.47
N VAL A 34 -2.34 -15.69 14.24
CA VAL A 34 -1.44 -15.29 13.20
C VAL A 34 -2.27 -15.15 11.95
N ALA A 35 -1.76 -14.41 10.97
CA ALA A 35 -2.33 -14.38 9.64
C ALA A 35 -1.46 -15.27 8.78
N VAL A 36 -2.12 -16.01 7.87
CA VAL A 36 -1.51 -16.85 6.85
C VAL A 36 -2.03 -16.46 5.46
N LYS A 37 -1.12 -15.95 4.62
CA LYS A 37 -1.41 -15.72 3.21
C LYS A 37 -0.89 -16.92 2.40
N ILE A 38 -1.81 -17.58 1.71
CA ILE A 38 -1.48 -18.71 0.82
C ILE A 38 -1.57 -18.13 -0.59
N PHE A 39 -0.46 -18.14 -1.33
CA PHE A 39 -0.36 -17.49 -2.65
C PHE A 39 -1.04 -18.28 -3.78
N SER A 40 -1.53 -17.60 -4.79
CA SER A 40 -2.05 -18.33 -5.94
C SER A 40 -0.87 -18.99 -6.63
N SER A 41 -1.15 -20.03 -7.40
CA SER A 41 -0.09 -20.86 -8.00
C SER A 41 0.59 -20.08 -9.13
N ARG A 42 -0.03 -19.00 -9.54
CA ARG A 42 0.53 -18.12 -10.55
C ARG A 42 1.41 -16.99 -9.96
N ASP A 43 1.69 -17.02 -8.66
CA ASP A 43 2.22 -15.83 -7.98
C ASP A 43 3.38 -16.18 -7.07
N GLU A 44 4.16 -17.18 -7.47
CA GLU A 44 5.27 -17.61 -6.67
C GLU A 44 6.31 -16.51 -6.53
N LYS A 45 6.45 -15.69 -7.56
CA LYS A 45 7.43 -14.60 -7.59
C LYS A 45 7.16 -13.52 -6.56
N SER A 46 5.90 -13.24 -6.24
CA SER A 46 5.53 -12.35 -5.11
C SER A 46 5.88 -12.97 -3.77
N TRP A 47 5.58 -14.25 -3.58
CA TRP A 47 5.95 -14.91 -2.35
C TRP A 47 7.48 -14.85 -2.16
N PHE A 48 8.18 -15.16 -3.24
CA PHE A 48 9.66 -15.15 -3.25
C PHE A 48 10.19 -13.76 -2.85
N ARG A 49 9.67 -12.71 -3.48
CA ARG A 49 10.09 -11.35 -3.13
C ARG A 49 9.82 -10.91 -1.66
N GLU A 50 8.60 -11.13 -1.13
CA GLU A 50 8.30 -10.80 0.28
C GLU A 50 9.18 -11.60 1.20
N THR A 51 9.37 -12.86 0.85
CA THR A 51 10.21 -13.73 1.68
C THR A 51 11.60 -13.14 1.66
N GLU A 52 12.01 -12.72 0.50
CA GLU A 52 13.35 -12.15 0.37
C GLU A 52 13.54 -10.89 1.21
N LEU A 53 12.59 -9.96 1.13
CA LEU A 53 12.70 -8.69 1.83
C LEU A 53 12.67 -8.90 3.32
N TYR A 54 11.69 -9.67 3.77
CA TYR A 54 11.50 -9.85 5.20
C TYR A 54 12.62 -10.67 5.84
N ASN A 55 13.20 -11.60 5.10
CA ASN A 55 14.36 -12.36 5.59
C ASN A 55 15.70 -11.63 5.52
N THR A 56 15.89 -10.76 4.53
CA THR A 56 17.21 -10.17 4.24
C THR A 56 17.35 -8.73 4.70
N VAL A 57 16.22 -8.09 5.01
CA VAL A 57 16.27 -6.69 5.40
C VAL A 57 15.74 -6.59 6.83
N MET A 58 16.20 -5.58 7.57
CA MET A 58 15.64 -5.30 8.91
C MET A 58 14.45 -4.32 8.76
N LEU A 59 13.25 -4.91 8.73
CA LEU A 59 11.98 -4.22 8.35
C LEU A 59 10.98 -4.11 9.49
N ARG A 60 11.40 -4.30 10.73
CA ARG A 60 10.50 -4.16 11.84
C ARG A 60 10.14 -2.68 11.97
N HIS A 61 8.84 -2.38 11.94
CA HIS A 61 8.35 -1.03 12.12
C HIS A 61 6.86 -1.12 12.46
N GLU A 62 6.41 -0.24 13.37
CA GLU A 62 5.03 -0.13 13.76
C GLU A 62 4.03 -0.02 12.58
N ASN A 63 4.45 0.55 11.45
CA ASN A 63 3.52 0.74 10.33
C ASN A 63 3.82 -0.12 9.10
N ILE A 64 4.49 -1.24 9.34
CA ILE A 64 4.79 -2.22 8.29
C ILE A 64 4.38 -3.52 8.90
N LEU A 65 3.62 -4.31 8.15
CA LEU A 65 3.09 -5.54 8.68
C LEU A 65 4.24 -6.42 9.15
N GLY A 66 4.08 -6.90 10.38
CA GLY A 66 5.09 -7.66 11.08
C GLY A 66 5.13 -9.10 10.60
N PHE A 67 6.31 -9.54 10.21
CA PHE A 67 6.55 -10.85 9.61
C PHE A 67 6.90 -11.85 10.67
N ILE A 68 6.39 -13.07 10.51
CA ILE A 68 6.72 -14.16 11.42
C ILE A 68 7.54 -15.23 10.74
N ALA A 69 7.03 -15.76 9.64
CA ALA A 69 7.74 -16.80 8.88
C ALA A 69 7.18 -16.93 7.46
N SER A 70 7.92 -17.63 6.63
CA SER A 70 7.55 -17.94 5.28
C SER A 70 7.87 -19.43 5.08
N ASP A 71 6.95 -20.23 4.54
CA ASP A 71 7.19 -21.67 4.31
C ASP A 71 6.54 -22.21 3.04
N MET A 72 7.02 -23.38 2.63
CA MET A 72 6.38 -24.19 1.63
C MET A 72 5.80 -25.38 2.34
N THR A 73 4.59 -25.78 1.95
CA THR A 73 3.90 -26.87 2.57
C THR A 73 3.07 -27.56 1.48
N SER A 74 2.56 -28.75 1.78
CA SER A 74 1.82 -29.57 0.81
C SER A 74 0.38 -29.58 1.28
N ARG A 75 -0.56 -29.27 0.39
CA ARG A 75 -1.99 -29.36 0.72
C ARG A 75 -2.71 -29.74 -0.55
N HIS A 76 -3.69 -30.64 -0.43
CA HIS A 76 -4.40 -31.17 -1.60
C HIS A 76 -3.39 -31.74 -2.57
N SER A 77 -2.35 -32.36 -2.01
CA SER A 77 -1.27 -32.98 -2.78
C SER A 77 -0.64 -32.02 -3.83
N SER A 78 -0.39 -30.78 -3.43
CA SER A 78 0.34 -29.83 -4.28
C SER A 78 0.98 -28.78 -3.39
N THR A 79 1.90 -28.01 -3.95
CA THR A 79 2.74 -27.09 -3.16
C THR A 79 2.00 -25.81 -2.87
N GLN A 80 1.97 -25.40 -1.60
CA GLN A 80 1.48 -24.08 -1.24
C GLN A 80 2.60 -23.24 -0.63
N LEU A 81 2.61 -21.96 -0.98
CA LEU A 81 3.57 -21.00 -0.46
C LEU A 81 2.81 -20.17 0.55
N TRP A 82 3.33 -20.18 1.77
CA TRP A 82 2.73 -19.46 2.89
C TRP A 82 3.61 -18.31 3.40
N LEU A 83 2.98 -17.15 3.59
CA LEU A 83 3.54 -16.04 4.36
C LEU A 83 2.75 -15.97 5.66
N ILE A 84 3.45 -15.96 6.77
CA ILE A 84 2.82 -15.89 8.09
C ILE A 84 3.22 -14.58 8.75
N THR A 85 2.22 -13.86 9.27
CA THR A 85 2.43 -12.54 9.84
C THR A 85 1.58 -12.32 11.09
N HIS A 86 1.77 -11.16 11.71
CA HIS A 86 0.83 -10.71 12.73
C HIS A 86 -0.59 -10.62 12.15
N TYR A 87 -1.55 -10.87 13.02
CA TYR A 87 -2.95 -10.86 12.66
C TYR A 87 -3.56 -9.57 13.18
N HIS A 88 -4.28 -8.89 12.28
CA HIS A 88 -4.96 -7.64 12.60
C HIS A 88 -6.46 -7.76 12.44
N GLU A 89 -7.12 -8.01 13.57
CA GLU A 89 -8.56 -8.24 13.59
C GLU A 89 -9.38 -7.13 12.92
N MET A 90 -8.93 -5.88 13.00
CA MET A 90 -9.73 -4.81 12.38
C MET A 90 -9.72 -4.92 10.83
N GLY A 91 -8.84 -5.75 10.25
CA GLY A 91 -8.88 -6.03 8.80
C GLY A 91 -8.33 -4.88 7.95
N SER A 92 -8.69 -4.86 6.67
CA SER A 92 -8.13 -3.89 5.76
C SER A 92 -8.75 -2.50 5.94
N LEU A 93 -7.98 -1.49 5.54
CA LEU A 93 -8.43 -0.11 5.56
C LEU A 93 -9.59 0.02 4.59
N TYR A 94 -9.48 -0.61 3.42
CA TYR A 94 -10.54 -0.67 2.38
C TYR A 94 -11.88 -1.11 2.94
N ASP A 95 -11.89 -2.24 3.65
CA ASP A 95 -13.16 -2.73 4.19
C ASP A 95 -13.59 -1.84 5.38
N TYR A 96 -12.65 -1.52 6.26
CA TYR A 96 -12.92 -0.67 7.44
C TYR A 96 -13.56 0.70 7.11
N LEU A 97 -13.12 1.35 6.03
CA LEU A 97 -13.62 2.65 5.69
C LEU A 97 -15.11 2.56 5.31
N GLN A 98 -15.53 1.38 4.87
CA GLN A 98 -16.90 1.17 4.49
C GLN A 98 -17.87 0.92 5.67
N LEU A 99 -17.32 0.77 6.87
CA LEU A 99 -18.05 0.33 8.04
C LEU A 99 -18.06 1.35 9.14
N THR A 100 -17.32 2.44 8.99
CA THR A 100 -17.33 3.47 9.99
C THR A 100 -16.98 4.83 9.37
N THR A 101 -17.20 5.89 10.15
CA THR A 101 -16.77 7.23 9.78
C THR A 101 -15.70 7.59 10.82
N LEU A 102 -14.96 8.65 10.54
CA LEU A 102 -13.79 9.03 11.34
C LEU A 102 -13.94 10.45 11.82
N ASP A 103 -13.49 10.74 13.02
CA ASP A 103 -13.36 12.13 13.44
C ASP A 103 -11.98 12.62 13.01
N THR A 104 -11.67 13.85 13.33
CA THR A 104 -10.46 14.47 12.84
C THR A 104 -9.22 13.77 13.34
N VAL A 105 -9.19 13.43 14.63
CA VAL A 105 -8.08 12.71 15.25
C VAL A 105 -7.84 11.34 14.64
N SER A 106 -8.91 10.59 14.43
CA SER A 106 -8.81 9.24 13.85
C SER A 106 -8.36 9.25 12.40
N CYS A 107 -8.91 10.17 11.64
CA CYS A 107 -8.48 10.37 10.25
C CYS A 107 -6.97 10.65 10.19
N LEU A 108 -6.49 11.60 10.98
CA LEU A 108 -5.09 12.05 10.87
C LEU A 108 -4.15 10.94 11.41
N ARG A 109 -4.57 10.27 12.46
CA ARG A 109 -3.83 9.11 12.93
C ARG A 109 -3.59 8.04 11.82
N ILE A 110 -4.65 7.75 11.08
CA ILE A 110 -4.57 6.78 10.02
C ILE A 110 -3.60 7.26 8.95
N VAL A 111 -3.82 8.45 8.39
CA VAL A 111 -3.04 8.86 7.24
C VAL A 111 -1.56 9.14 7.62
N LEU A 112 -1.33 9.67 8.83
CA LEU A 112 0.04 9.85 9.32
C LEU A 112 0.75 8.53 9.48
N SER A 113 0.07 7.55 10.08
CA SER A 113 0.68 6.21 10.29
C SER A 113 1.09 5.61 8.95
N ILE A 114 0.25 5.79 7.93
CA ILE A 114 0.56 5.31 6.56
C ILE A 114 1.78 6.04 5.96
N ALA A 115 1.82 7.37 6.07
CA ALA A 115 2.98 8.08 5.56
C ALA A 115 4.24 7.73 6.38
N SER A 116 4.12 7.44 7.66
CA SER A 116 5.29 7.05 8.44
CA SER A 116 5.29 7.05 8.44
C SER A 116 5.82 5.67 8.02
N GLY A 117 4.91 4.74 7.70
CA GLY A 117 5.30 3.42 7.16
C GLY A 117 5.98 3.57 5.80
N LEU A 118 5.39 4.39 4.94
CA LEU A 118 5.92 4.59 3.59
C LEU A 118 7.30 5.32 3.61
N ALA A 119 7.42 6.34 4.45
CA ALA A 119 8.67 7.07 4.60
C ALA A 119 9.74 6.12 5.09
N HIS A 120 9.42 5.24 6.06
CA HIS A 120 10.37 4.25 6.54
C HIS A 120 10.81 3.28 5.42
N LEU A 121 9.86 2.80 4.64
CA LEU A 121 10.20 2.00 3.45
C LEU A 121 11.16 2.78 2.51
N HIS A 122 10.78 4.01 2.21
CA HIS A 122 11.45 4.80 1.18
C HIS A 122 12.89 5.20 1.52
N ILE A 123 13.21 5.35 2.80
CA ILE A 123 14.55 5.80 3.17
C ILE A 123 15.56 4.65 3.33
N GLU A 124 16.80 4.89 2.96
CA GLU A 124 17.89 3.97 3.31
C GLU A 124 18.45 4.34 4.68
N ILE A 125 18.62 3.33 5.52
CA ILE A 125 19.24 3.46 6.82
C ILE A 125 20.58 2.68 6.77
N PHE A 126 21.62 3.28 7.32
CA PHE A 126 22.96 2.69 7.31
C PHE A 126 23.30 2.25 8.72
N GLY A 127 24.44 1.60 8.87
CA GLY A 127 24.83 0.98 10.12
C GLY A 127 24.26 -0.42 10.14
N THR A 128 24.49 -1.11 11.24
CA THR A 128 24.02 -2.48 11.40
C THR A 128 22.49 -2.51 11.66
N GLN A 129 21.93 -1.37 12.05
CA GLN A 129 20.47 -1.15 12.13
C GLN A 129 19.77 -1.06 10.75
N GLY A 130 20.55 -0.88 9.70
CA GLY A 130 20.07 -0.37 8.41
C GLY A 130 19.15 -1.23 7.57
N LYS A 131 18.81 -0.70 6.41
CA LYS A 131 17.96 -1.37 5.46
C LYS A 131 18.18 -0.60 4.15
N PRO A 132 18.08 -1.24 3.00
CA PRO A 132 18.05 -0.47 1.74
C PRO A 132 16.81 0.44 1.60
N ALA A 133 16.83 1.33 0.62
CA ALA A 133 15.64 2.06 0.26
C ALA A 133 14.72 1.08 -0.49
N ILE A 134 13.41 1.17 -0.21
CA ILE A 134 12.40 0.24 -0.77
C ILE A 134 11.23 1.04 -1.32
N ALA A 135 10.87 0.83 -2.57
CA ALA A 135 9.57 1.29 -3.08
C ALA A 135 8.57 0.13 -3.14
N HIS A 136 7.31 0.42 -2.83
CA HIS A 136 6.24 -0.62 -2.67
C HIS A 136 5.68 -1.18 -3.99
N ARG A 137 5.23 -0.25 -4.83
CA ARG A 137 4.69 -0.48 -6.17
C ARG A 137 3.25 -1.05 -6.29
N ASP A 138 2.60 -1.35 -5.18
CA ASP A 138 1.17 -1.67 -5.22
C ASP A 138 0.45 -1.17 -3.96
N LEU A 139 0.70 0.08 -3.59
CA LEU A 139 0.06 0.67 -2.43
C LEU A 139 -1.41 0.96 -2.73
N LYS A 140 -2.29 0.64 -1.78
CA LYS A 140 -3.76 0.78 -1.95
C LYS A 140 -4.39 0.47 -0.63
N SER A 141 -5.65 0.85 -0.44
CA SER A 141 -6.33 0.68 0.84
C SER A 141 -6.51 -0.79 1.25
N LYS A 142 -6.56 -1.65 0.26
CA LYS A 142 -6.66 -3.08 0.50
C LYS A 142 -5.35 -3.71 0.99
N ASN A 143 -4.22 -3.07 0.73
CA ASN A 143 -2.88 -3.48 1.20
C ASN A 143 -2.41 -2.73 2.47
N ILE A 144 -3.38 -2.15 3.18
CA ILE A 144 -3.15 -1.47 4.45
C ILE A 144 -4.11 -2.08 5.41
N LEU A 145 -3.57 -2.49 6.57
CA LEU A 145 -4.33 -3.04 7.66
C LEU A 145 -4.44 -2.00 8.81
N VAL A 146 -5.56 -2.08 9.52
CA VAL A 146 -5.87 -1.21 10.64
C VAL A 146 -5.62 -1.97 11.96
N LYS A 147 -4.94 -1.32 12.87
CA LYS A 147 -4.61 -1.90 14.16
C LYS A 147 -5.57 -1.37 15.21
N LYS A 148 -5.72 -2.09 16.31
CA LYS A 148 -6.62 -1.67 17.39
C LYS A 148 -6.26 -0.30 17.94
N ASN A 149 -4.99 0.08 17.92
CA ASN A 149 -4.66 1.44 18.35
C ASN A 149 -5.06 2.56 17.34
N GLY A 150 -5.66 2.20 16.20
CA GLY A 150 -6.11 3.20 15.22
C GLY A 150 -5.08 3.62 14.19
N GLN A 151 -3.84 3.16 14.35
CA GLN A 151 -2.82 3.33 13.33
C GLN A 151 -2.91 2.18 12.34
N CYS A 152 -2.30 2.37 11.18
CA CYS A 152 -2.26 1.38 10.17
C CYS A 152 -0.88 0.75 10.00
N CYS A 153 -0.83 -0.36 9.28
CA CYS A 153 0.42 -0.90 8.78
C CYS A 153 0.26 -1.37 7.37
N ILE A 154 1.37 -1.25 6.66
CA ILE A 154 1.40 -1.46 5.21
C ILE A 154 1.82 -2.91 4.93
N ALA A 155 1.09 -3.56 4.03
CA ALA A 155 1.36 -4.96 3.69
C ALA A 155 1.68 -5.09 2.21
N ASP A 156 2.03 -6.34 1.86
CA ASP A 156 2.24 -6.83 0.51
C ASP A 156 3.43 -6.18 -0.18
N LEU A 157 4.60 -6.74 0.06
CA LEU A 157 5.85 -6.29 -0.52
C LEU A 157 6.29 -7.13 -1.71
N GLY A 158 5.35 -7.81 -2.37
CA GLY A 158 5.67 -8.76 -3.43
C GLY A 158 6.11 -8.09 -4.72
N LEU A 159 5.82 -6.81 -4.87
CA LEU A 159 6.31 -6.04 -6.03
C LEU A 159 7.46 -5.05 -5.64
N ALA A 160 7.99 -5.15 -4.44
CA ALA A 160 8.92 -4.12 -3.96
C ALA A 160 10.20 -4.04 -4.80
N VAL A 161 10.76 -2.86 -4.87
CA VAL A 161 12.01 -2.63 -5.59
C VAL A 161 12.90 -2.01 -4.54
N MET A 162 14.20 -2.27 -4.63
CA MET A 162 15.14 -1.81 -3.63
C MET A 162 16.37 -1.11 -4.24
N HIS A 163 16.98 -0.25 -3.44
CA HIS A 163 18.15 0.50 -3.89
C HIS A 163 19.11 0.68 -2.71
N SER A 164 20.40 0.55 -3.00
CA SER A 164 21.50 0.72 -2.06
C SER A 164 22.45 1.79 -2.59
N GLN A 165 22.71 2.80 -1.78
CA GLN A 165 23.70 3.78 -2.15
C GLN A 165 25.13 3.22 -2.23
N SER A 166 25.50 2.21 -1.44
CA SER A 166 26.86 1.57 -1.58
C SER A 166 27.24 1.23 -3.03
N THR A 167 26.40 0.41 -3.64
CA THR A 167 26.64 -0.15 -4.95
C THR A 167 25.92 0.68 -5.98
N ASN A 168 25.12 1.64 -5.51
CA ASN A 168 24.20 2.38 -6.35
C ASN A 168 23.40 1.47 -7.30
N GLN A 169 23.09 0.27 -6.84
CA GLN A 169 22.45 -0.71 -7.71
C GLN A 169 20.96 -0.72 -7.43
N LEU A 170 20.16 -0.82 -8.48
CA LEU A 170 18.74 -0.94 -8.29
C LEU A 170 18.36 -2.40 -8.47
N ASP A 171 17.60 -2.94 -7.53
CA ASP A 171 17.16 -4.34 -7.60
C ASP A 171 15.65 -4.39 -7.87
N VAL A 172 15.28 -4.62 -9.12
CA VAL A 172 13.88 -4.67 -9.52
C VAL A 172 13.21 -6.06 -9.41
N GLY A 173 13.98 -7.12 -9.19
CA GLY A 173 13.41 -8.47 -9.12
C GLY A 173 13.06 -8.94 -10.51
N ASN A 174 12.16 -9.91 -10.63
CA ASN A 174 11.79 -10.46 -11.93
CA ASN A 174 11.80 -10.50 -11.92
C ASN A 174 10.38 -11.02 -11.87
N ASN A 175 9.45 -10.14 -11.56
CA ASN A 175 8.06 -10.48 -11.32
C ASN A 175 7.21 -9.91 -12.39
N PRO A 176 6.44 -10.76 -13.08
CA PRO A 176 5.57 -10.32 -14.14
C PRO A 176 4.31 -9.58 -13.67
N ARG A 177 3.90 -9.79 -12.44
CA ARG A 177 2.80 -9.03 -11.84
C ARG A 177 2.99 -7.50 -12.02
N VAL A 178 1.92 -6.78 -12.28
CA VAL A 178 1.96 -5.31 -12.23
C VAL A 178 0.98 -4.84 -11.17
N GLY A 179 1.17 -3.60 -10.73
CA GLY A 179 0.31 -3.02 -9.70
C GLY A 179 -1.17 -3.04 -10.07
N THR A 180 -2.00 -2.70 -9.10
CA THR A 180 -3.44 -2.53 -9.30
C THR A 180 -3.70 -1.37 -10.27
N LYS A 181 -4.44 -1.65 -11.35
CA LYS A 181 -4.58 -0.68 -12.43
C LYS A 181 -5.18 0.62 -11.96
N ARG A 182 -6.21 0.56 -11.13
CA ARG A 182 -6.91 1.75 -10.60
C ARG A 182 -5.98 2.77 -9.92
N TYR A 183 -4.94 2.27 -9.27
CA TYR A 183 -4.01 3.13 -8.59
C TYR A 183 -2.73 3.42 -9.38
N MET A 184 -2.62 2.97 -10.61
CA MET A 184 -1.37 3.20 -11.37
C MET A 184 -1.22 4.69 -11.73
N ALA A 185 -0.01 5.19 -11.52
CA ALA A 185 0.41 6.55 -11.92
C ALA A 185 0.46 6.66 -13.47
N PRO A 186 0.28 7.89 -14.01
CA PRO A 186 0.25 8.11 -15.48
C PRO A 186 1.50 7.59 -16.18
N GLU A 187 2.66 7.74 -15.53
CA GLU A 187 3.93 7.32 -16.11
C GLU A 187 4.06 5.81 -16.20
N VAL A 188 3.26 5.08 -15.42
CA VAL A 188 3.19 3.62 -15.53
C VAL A 188 2.26 3.29 -16.68
N LEU A 189 1.09 3.92 -16.68
CA LEU A 189 0.05 3.72 -17.71
C LEU A 189 0.58 4.13 -19.10
N ASP A 190 1.35 5.22 -19.13
N ASP A 190 1.37 5.18 -19.20
CA ASP A 190 2.04 5.75 -20.33
CA ASP A 190 1.90 5.57 -20.50
C ASP A 190 3.19 4.88 -20.80
C ASP A 190 3.30 5.03 -20.76
N GLU A 191 3.79 4.15 -19.87
CA GLU A 191 5.04 3.41 -20.12
C GLU A 191 6.23 4.32 -20.41
N THR A 192 6.14 5.56 -19.96
CA THR A 192 7.28 6.49 -19.98
C THR A 192 8.10 6.48 -18.66
N ILE A 193 7.66 5.72 -17.65
CA ILE A 193 8.43 5.62 -16.40
C ILE A 193 9.92 5.23 -16.63
N GLN A 194 10.84 6.03 -16.08
CA GLN A 194 12.28 5.72 -16.13
CA GLN A 194 12.27 5.72 -16.13
C GLN A 194 12.61 4.54 -15.21
N VAL A 195 12.57 3.34 -15.75
CA VAL A 195 12.74 2.13 -14.95
C VAL A 195 14.12 1.97 -14.27
N ASP A 196 15.12 2.73 -14.73
CA ASP A 196 16.45 2.71 -14.14
C ASP A 196 16.66 3.64 -12.96
N CYS A 197 15.72 4.54 -12.67
CA CYS A 197 15.87 5.53 -11.58
CA CYS A 197 15.89 5.50 -11.58
C CYS A 197 14.97 5.14 -10.41
N PHE A 198 15.57 4.86 -9.24
CA PHE A 198 14.83 4.46 -8.07
C PHE A 198 13.74 5.45 -7.69
N ASP A 199 14.05 6.74 -7.82
CA ASP A 199 13.14 7.81 -7.50
C ASP A 199 11.81 7.64 -8.25
N SER A 200 11.86 7.07 -9.46
CA SER A 200 10.64 6.83 -10.26
C SER A 200 9.64 6.00 -9.48
N TYR A 201 10.13 5.02 -8.72
CA TYR A 201 9.26 4.05 -8.07
C TYR A 201 8.66 4.66 -6.83
N LYS A 202 9.45 5.44 -6.10
CA LYS A 202 8.93 6.17 -4.95
C LYS A 202 7.86 7.10 -5.42
N ARG A 203 8.02 7.70 -6.60
CA ARG A 203 7.06 8.68 -7.09
C ARG A 203 5.73 8.02 -7.43
N VAL A 204 5.78 6.77 -7.94
CA VAL A 204 4.60 5.95 -8.19
CA VAL A 204 4.54 6.02 -8.19
C VAL A 204 3.86 5.68 -6.87
N ASP A 205 4.61 5.35 -5.84
CA ASP A 205 4.00 5.15 -4.50
C ASP A 205 3.31 6.41 -3.98
N ILE A 206 3.86 7.60 -4.28
CA ILE A 206 3.27 8.83 -3.78
C ILE A 206 1.91 9.10 -4.43
N TRP A 207 1.82 8.99 -5.75
CA TRP A 207 0.54 9.02 -6.48
C TRP A 207 -0.53 8.14 -5.84
N ALA A 208 -0.19 6.87 -5.63
CA ALA A 208 -1.10 5.89 -5.00
C ALA A 208 -1.47 6.36 -3.58
N PHE A 209 -0.49 6.90 -2.87
CA PHE A 209 -0.78 7.39 -1.52
C PHE A 209 -1.78 8.57 -1.56
N GLY A 210 -1.62 9.44 -2.56
CA GLY A 210 -2.56 10.54 -2.76
C GLY A 210 -3.99 10.02 -2.88
N LEU A 211 -4.15 8.95 -3.66
CA LEU A 211 -5.44 8.32 -3.88
C LEU A 211 -6.02 7.73 -2.59
N VAL A 212 -5.16 7.15 -1.77
CA VAL A 212 -5.59 6.57 -0.49
C VAL A 212 -6.00 7.64 0.52
N LEU A 213 -5.28 8.76 0.50
CA LEU A 213 -5.61 9.92 1.29
C LEU A 213 -7.02 10.43 0.92
N TRP A 214 -7.30 10.53 -0.37
CA TRP A 214 -8.61 10.89 -0.82
C TRP A 214 -9.67 9.91 -0.25
N GLU A 215 -9.40 8.60 -0.33
CA GLU A 215 -10.36 7.58 0.13
C GLU A 215 -10.70 7.75 1.61
N VAL A 216 -9.66 8.04 2.39
CA VAL A 216 -9.80 8.21 3.87
C VAL A 216 -10.51 9.50 4.20
N ALA A 217 -10.16 10.59 3.52
CA ALA A 217 -10.66 11.92 3.85
C ALA A 217 -12.20 11.98 3.69
N ARG A 218 -12.70 11.30 2.66
CA ARG A 218 -14.14 11.18 2.41
C ARG A 218 -14.93 10.72 3.64
N ARG A 219 -14.28 9.93 4.49
CA ARG A 219 -14.89 9.36 5.67
C ARG A 219 -14.63 10.14 6.94
N MET A 220 -13.95 11.27 6.85
CA MET A 220 -13.83 12.13 8.03
C MET A 220 -15.06 13.10 8.18
N VAL A 221 -15.68 13.11 9.34
CA VAL A 221 -16.81 14.00 9.66
C VAL A 221 -16.36 15.47 9.75
N SER A 222 -17.01 16.34 8.98
CA SER A 222 -16.99 17.80 9.26
C SER A 222 -18.44 18.33 9.17
N ASN A 223 -18.83 19.15 10.13
CA ASN A 223 -20.23 19.67 10.21
C ASN A 223 -21.21 18.53 10.20
N GLY A 224 -20.82 17.43 10.86
CA GLY A 224 -21.68 16.24 10.99
C GLY A 224 -21.94 15.47 9.72
N ILE A 225 -21.25 15.80 8.63
CA ILE A 225 -21.46 15.11 7.38
C ILE A 225 -20.17 14.44 6.86
N VAL A 226 -20.36 13.46 5.96
CA VAL A 226 -19.27 12.59 5.42
C VAL A 226 -19.71 12.27 4.01
N GLU A 227 -18.79 11.81 3.18
CA GLU A 227 -19.17 11.17 1.90
C GLU A 227 -19.26 9.66 2.10
N ASP A 228 -19.96 8.96 1.21
CA ASP A 228 -19.97 7.49 1.21
C ASP A 228 -18.58 7.07 0.77
N TYR A 229 -18.14 5.91 1.25
CA TYR A 229 -16.88 5.29 0.79
C TYR A 229 -17.01 5.08 -0.72
N LYS A 230 -16.02 5.57 -1.47
CA LYS A 230 -15.86 5.27 -2.91
C LYS A 230 -14.40 5.01 -3.23
N PRO A 231 -14.15 4.10 -4.18
CA PRO A 231 -12.76 3.89 -4.64
C PRO A 231 -12.37 5.02 -5.57
N PRO A 232 -11.06 5.26 -5.73
CA PRO A 232 -10.62 6.27 -6.68
C PRO A 232 -11.15 5.99 -8.08
N PHE A 233 -11.61 7.06 -8.74
CA PHE A 233 -12.09 6.98 -10.12
C PHE A 233 -13.38 6.17 -10.29
N TYR A 234 -14.11 5.94 -9.20
CA TYR A 234 -15.34 5.17 -9.26
C TYR A 234 -16.34 5.68 -10.33
N ASP A 235 -16.28 6.98 -10.65
CA ASP A 235 -17.27 7.62 -11.55
C ASP A 235 -16.87 7.53 -13.01
N VAL A 236 -15.66 7.03 -13.31
CA VAL A 236 -15.15 7.05 -14.68
C VAL A 236 -14.65 5.72 -15.23
N VAL A 237 -14.53 4.70 -14.39
CA VAL A 237 -14.14 3.41 -14.88
C VAL A 237 -14.98 2.32 -14.24
N PRO A 238 -15.07 1.16 -14.91
CA PRO A 238 -15.85 0.09 -14.34
C PRO A 238 -15.11 -0.61 -13.23
N ASN A 239 -15.76 -1.61 -12.66
CA ASN A 239 -15.05 -2.50 -11.79
C ASN A 239 -13.97 -3.21 -12.62
N ASP A 240 -12.91 -3.62 -11.95
CA ASP A 240 -11.81 -4.27 -12.61
C ASP A 240 -11.46 -3.59 -13.93
N PRO A 241 -11.09 -2.29 -13.88
CA PRO A 241 -10.73 -1.49 -15.07
C PRO A 241 -9.50 -1.97 -15.80
N SER A 242 -9.47 -1.76 -17.11
CA SER A 242 -8.35 -2.22 -17.93
C SER A 242 -7.28 -1.15 -17.94
N PHE A 243 -6.07 -1.54 -18.33
CA PHE A 243 -4.97 -0.61 -18.60
CA PHE A 243 -4.96 -0.61 -18.59
C PHE A 243 -5.49 0.55 -19.45
N GLU A 244 -6.20 0.20 -20.52
CA GLU A 244 -6.69 1.17 -21.49
C GLU A 244 -7.73 2.11 -20.88
N ASP A 245 -8.65 1.54 -20.08
CA ASP A 245 -9.62 2.36 -19.32
C ASP A 245 -8.89 3.38 -18.48
N MET A 246 -7.83 2.94 -17.81
CA MET A 246 -7.10 3.81 -16.88
C MET A 246 -6.26 4.83 -17.63
N ARG A 247 -5.67 4.41 -18.76
CA ARG A 247 -4.81 5.30 -19.50
C ARG A 247 -5.64 6.46 -20.06
N LYS A 248 -6.75 6.12 -20.71
CA LYS A 248 -7.66 7.15 -21.21
C LYS A 248 -8.01 8.16 -20.11
N VAL A 249 -8.37 7.66 -18.93
CA VAL A 249 -8.77 8.54 -17.83
C VAL A 249 -7.63 9.40 -17.28
N VAL A 250 -6.46 8.78 -17.04
CA VAL A 250 -5.35 9.40 -16.28
C VAL A 250 -4.38 10.16 -17.18
N CYS A 251 -4.10 9.62 -18.36
CA CYS A 251 -3.07 10.18 -19.26
C CYS A 251 -3.66 11.12 -20.31
N VAL A 252 -4.78 10.74 -20.93
CA VAL A 252 -5.34 11.49 -22.05
C VAL A 252 -6.28 12.56 -21.53
N ASP A 253 -7.26 12.18 -20.71
CA ASP A 253 -8.19 13.14 -20.14
C ASP A 253 -7.52 13.90 -19.01
N GLN A 254 -6.50 13.28 -18.42
CA GLN A 254 -5.83 13.85 -17.26
C GLN A 254 -6.72 14.15 -16.06
N GLN A 255 -7.56 13.18 -15.68
CA GLN A 255 -8.51 13.37 -14.56
C GLN A 255 -7.87 13.05 -13.23
N ARG A 256 -8.43 13.65 -12.20
CA ARG A 256 -8.05 13.40 -10.84
C ARG A 256 -9.31 13.23 -10.04
N PRO A 257 -9.24 12.49 -8.90
CA PRO A 257 -10.47 12.44 -8.14
C PRO A 257 -10.99 13.85 -7.80
N ASN A 258 -12.30 14.05 -7.86
CA ASN A 258 -12.89 15.34 -7.47
C ASN A 258 -12.86 15.54 -5.96
N ILE A 259 -12.54 16.75 -5.52
CA ILE A 259 -12.63 17.12 -4.12
C ILE A 259 -14.09 17.54 -3.81
N PRO A 260 -14.73 16.91 -2.82
CA PRO A 260 -16.06 17.40 -2.43
C PRO A 260 -16.02 18.85 -1.96
N ASN A 261 -17.08 19.63 -2.22
CA ASN A 261 -17.10 21.07 -1.92
C ASN A 261 -16.93 21.29 -0.46
N ARG A 262 -17.54 20.39 0.31
CA ARG A 262 -17.52 20.50 1.74
C ARG A 262 -16.13 20.44 2.33
N TRP A 263 -15.15 19.83 1.65
CA TRP A 263 -13.79 19.88 2.22
C TRP A 263 -13.27 21.31 2.37
N PHE A 264 -13.67 22.19 1.44
CA PHE A 264 -13.22 23.59 1.48
C PHE A 264 -13.89 24.43 2.57
N SER A 265 -14.78 23.81 3.37
CA SER A 265 -15.38 24.50 4.49
C SER A 265 -14.70 24.09 5.80
N ASP A 266 -13.71 23.20 5.70
CA ASP A 266 -13.01 22.64 6.88
C ASP A 266 -11.52 22.82 6.67
N PRO A 267 -10.79 23.30 7.70
CA PRO A 267 -9.36 23.55 7.53
C PRO A 267 -8.49 22.28 7.42
N THR A 268 -8.78 21.22 8.18
CA THR A 268 -8.04 19.94 8.02
C THR A 268 -8.26 19.39 6.61
N LEU A 269 -9.51 19.30 6.18
CA LEU A 269 -9.80 18.72 4.88
C LEU A 269 -9.26 19.59 3.73
N THR A 270 -9.26 20.93 3.90
CA THR A 270 -8.58 21.80 2.94
C THR A 270 -7.06 21.50 2.87
N SER A 271 -6.39 21.30 4.02
CA SER A 271 -4.99 20.91 4.04
C SER A 271 -4.82 19.56 3.34
N LEU A 272 -5.73 18.61 3.63
CA LEU A 272 -5.57 17.24 3.13
C LEU A 272 -5.75 17.28 1.62
N ALA A 273 -6.65 18.17 1.15
CA ALA A 273 -6.90 18.33 -0.27
C ALA A 273 -5.67 18.88 -1.01
N LYS A 274 -5.03 19.87 -0.40
CA LYS A 274 -3.80 20.41 -0.89
C LYS A 274 -2.70 19.34 -0.94
N LEU A 275 -2.57 18.58 0.14
CA LEU A 275 -1.61 17.47 0.18
C LEU A 275 -1.86 16.49 -0.97
N MET A 276 -3.10 16.07 -1.15
CA MET A 276 -3.38 15.06 -2.20
C MET A 276 -3.15 15.61 -3.63
N LYS A 277 -3.41 16.89 -3.81
CA LYS A 277 -3.14 17.46 -5.12
C LYS A 277 -1.63 17.46 -5.40
N GLU A 278 -0.82 17.63 -4.37
CA GLU A 278 0.61 17.62 -4.56
C GLU A 278 1.21 16.21 -4.65
N CYS A 279 0.37 15.19 -4.43
CA CYS A 279 0.70 13.81 -4.73
C CYS A 279 0.35 13.44 -6.16
N TRP A 280 -0.52 14.23 -6.79
CA TRP A 280 -1.09 13.90 -8.12
C TRP A 280 -0.60 14.70 -9.28
N TYR A 281 0.48 15.44 -9.12
CA TYR A 281 1.01 16.15 -10.30
C TYR A 281 1.26 15.12 -11.40
N GLN A 282 0.91 15.48 -12.64
CA GLN A 282 1.20 14.62 -13.77
C GLN A 282 2.74 14.44 -13.80
N ASN A 283 3.45 15.55 -13.55
CA ASN A 283 4.91 15.54 -13.51
C ASN A 283 5.42 14.83 -12.25
N PRO A 284 5.96 13.62 -12.40
CA PRO A 284 6.37 12.88 -11.24
C PRO A 284 7.36 13.60 -10.32
N SER A 285 8.26 14.38 -10.92
CA SER A 285 9.25 15.17 -10.18
C SER A 285 8.66 16.21 -9.27
N ALA A 286 7.47 16.72 -9.57
CA ALA A 286 6.84 17.78 -8.75
C ALA A 286 6.16 17.23 -7.50
N ARG A 287 5.93 15.91 -7.43
CA ARG A 287 5.17 15.34 -6.33
C ARG A 287 5.97 15.42 -5.06
N LEU A 288 5.29 15.57 -3.94
CA LEU A 288 5.92 15.49 -2.63
C LEU A 288 6.57 14.14 -2.34
N THR A 289 7.49 14.15 -1.38
CA THR A 289 8.08 12.93 -0.91
C THR A 289 7.29 12.45 0.31
N ALA A 290 7.50 11.19 0.68
CA ALA A 290 6.80 10.57 1.78
C ALA A 290 7.20 11.24 3.08
N LEU A 291 8.47 11.62 3.19
CA LEU A 291 8.96 12.31 4.39
C LEU A 291 8.28 13.69 4.58
N ARG A 292 8.17 14.44 3.51
CA ARG A 292 7.50 15.75 3.52
C ARG A 292 6.00 15.62 3.83
N ILE A 293 5.37 14.53 3.39
CA ILE A 293 3.96 14.31 3.66
C ILE A 293 3.79 14.02 5.15
N LYS A 294 4.65 13.16 5.65
CA LYS A 294 4.69 12.85 7.08
C LYS A 294 4.92 14.08 7.97
N LYS A 295 5.82 14.98 7.59
CA LYS A 295 6.06 16.19 8.40
C LYS A 295 4.82 17.11 8.36
N THR A 296 4.23 17.30 7.19
CA THR A 296 3.01 18.07 7.01
C THR A 296 1.85 17.48 7.81
N LEU A 297 1.71 16.14 7.83
CA LEU A 297 0.61 15.48 8.59
C LEU A 297 0.86 15.53 10.07
N THR A 298 2.11 15.69 10.45
CA THR A 298 2.47 15.84 11.87
C THR A 298 2.05 17.22 12.35
N LYS A 299 1.97 18.16 11.40
CA LYS A 299 1.57 19.55 11.64
C LYS A 299 0.05 19.82 11.57
N ILE A 300 -0.68 19.14 10.68
CA ILE A 300 -2.14 19.30 10.63
C ILE A 300 -2.70 18.86 11.99
N ASP A 301 -3.81 19.48 12.44
CA ASP A 301 -4.57 18.88 13.56
C ASP A 301 -6.11 19.03 13.45
P PO4 B . -10.86 -3.00 -8.91
O1 PO4 B . -9.88 -1.81 -8.92
O2 PO4 B . -11.08 -3.52 -7.50
O3 PO4 B . -12.16 -2.54 -9.48
O4 PO4 B . -10.20 -4.12 -9.69
P PO4 C . -3.51 -5.22 16.69
O1 PO4 C . -3.67 -4.04 17.62
O2 PO4 C . -4.06 -6.45 17.33
O3 PO4 C . -4.30 -5.02 15.42
O4 PO4 C . -2.03 -5.37 16.39
CAA 507 D . -3.05 -7.27 2.40
CAA 507 D . 0.25 -12.50 5.31
OAB 507 D . -1.27 -8.65 1.58
OAB 507 D . 1.05 -10.78 3.81
CAC 507 D . -0.97 -11.13 4.94
CAC 507 D . -2.97 -9.20 3.55
CAD 507 D . -1.06 -10.31 3.82
CAD 507 D . -1.74 -9.86 3.43
CAE 507 D . -1.82 -10.93 6.02
CAE 507 D . -3.63 -9.14 4.78
CAF 507 D . -7.62 -9.57 7.84
CAF 507 D . -7.70 -9.61 7.96
CAG 507 D . -6.68 -9.52 8.85
CAG 507 D . -6.74 -9.60 8.96
CAH 507 D . -3.17 -9.68 8.40
CAH 507 D . -3.22 -9.66 8.38
CAI 507 D . -2.87 -9.11 4.86
CAI 507 D . -1.87 -10.41 5.77
CAJ 507 D . -8.70 -9.50 1.82
CAJ 507 D . -8.70 -9.52 1.89
CAK 507 D . -6.82 -8.09 2.38
CAK 507 D . -6.83 -8.09 2.47
CAL 507 D . -8.50 -10.18 3.17
CAL 507 D . -8.52 -10.18 3.25
CAM 507 D . -6.80 -8.43 3.87
CAM 507 D . -6.84 -8.43 3.96
NAN 507 D . -4.23 -9.59 9.24
NAN 507 D . -4.25 -9.64 9.26
NAO 507 D . -5.85 -9.77 6.27
NAO 507 D . -5.97 -9.68 6.35
NAP 507 D . -8.08 -9.78 5.56
NAP 507 D . -8.21 -9.69 5.67
OAQ 507 D . -8.15 -8.16 1.84
OAQ 507 D . -8.14 -8.18 1.88
CAR 507 D . -2.06 -8.42 2.50
CAR 507 D . 0.12 -11.21 4.48
CAS 507 D . -2.01 -9.30 3.77
CAS 507 D . -1.20 -10.47 4.56
CAT 507 D . -2.78 -9.92 5.99
CAT 507 D . -3.07 -9.74 5.90
CAU 507 D . -7.16 -9.68 6.53
CAU 507 D . -7.27 -9.64 6.63
CAV 507 D . -3.59 -9.77 7.14
CAV 507 D . -3.72 -9.68 7.13
CAW 507 D . -5.35 -9.61 8.51
CAW 507 D . -5.40 -9.65 8.58
CAX 507 D . -8.11 -9.14 4.23
CAX 507 D . -8.17 -9.11 4.31
NAY 507 D . -4.99 -9.72 7.16
NAY 507 D . -5.11 -9.67 7.22
C1 EDO E . -7.84 -6.30 -6.99
C1 EDO E . -8.60 -6.46 -7.34
O1 EDO E . -9.02 -5.52 -6.81
O1 EDO E . -9.25 -5.53 -6.45
C2 EDO E . -7.01 -5.73 -8.13
C2 EDO E . -7.35 -5.80 -7.95
O2 EDO E . -5.64 -6.10 -7.94
O2 EDO E . -7.69 -5.16 -9.19
C1 EDO F . 11.14 5.56 12.16
O1 EDO F . 9.77 5.95 12.02
C2 EDO F . 11.98 6.14 11.04
O2 EDO F . 11.54 5.70 9.74
C1 EDO G . 2.93 -4.57 13.46
O1 EDO G . 3.74 -3.47 13.01
C2 EDO G . 2.12 -4.89 12.24
O2 EDO G . 1.96 -6.28 12.20
C1 EDO H . -16.82 1.32 -8.97
O1 EDO H . -17.64 2.26 -9.67
C2 EDO H . -15.67 0.87 -9.84
O2 EDO H . -14.95 1.94 -10.48
C1 EDO I . 11.16 14.08 -5.71
O1 EDO I . 11.26 12.85 -6.43
C2 EDO I . 9.71 14.55 -5.72
O2 EDO I . 8.90 13.76 -6.62
C1 EDO J . 10.51 -19.04 -8.40
O1 EDO J . 10.10 -18.82 -9.76
C2 EDO J . 11.59 -18.04 -8.01
O2 EDO J . 12.87 -18.53 -8.45
C1 EDO K . 4.44 -23.91 -6.45
O1 EDO K . 5.64 -23.48 -7.09
C2 EDO K . 3.53 -22.71 -6.30
O2 EDO K . 3.34 -22.07 -7.57
C1 EDO L . -6.90 -32.60 2.57
O1 EDO L . -7.20 -33.97 2.37
C2 EDO L . -6.18 -32.17 1.30
O2 EDO L . -7.09 -32.28 0.20
C1 EDO M . 10.18 -17.68 -15.50
O1 EDO M . 9.54 -17.94 -14.24
C2 EDO M . 10.86 -16.31 -15.52
O2 EDO M . 11.91 -16.24 -14.54
C1 EDO N . 19.49 -3.17 -3.13
O1 EDO N . 20.40 -3.16 -4.24
C2 EDO N . 19.25 -4.59 -2.67
O2 EDO N . 18.98 -4.64 -1.28
C1 EDO O . 19.42 10.42 -11.52
O1 EDO O . 18.73 9.29 -12.05
C2 EDO O . 18.41 11.52 -11.22
O2 EDO O . 19.04 12.80 -11.40
C1 EDO P . -18.12 -0.61 -3.73
O1 EDO P . -18.34 -1.48 -2.63
C2 EDO P . -17.10 0.41 -3.24
O2 EDO P . -15.79 -0.15 -3.47
C1 EDO Q . 12.78 9.63 0.71
O1 EDO Q . 12.29 10.21 -0.52
C2 EDO Q . 12.00 10.29 1.84
O2 EDO Q . 10.62 10.35 1.47
C1 EDO R . 11.76 -21.79 2.57
O1 EDO R . 10.73 -22.60 3.16
C2 EDO R . 11.62 -20.34 3.01
O2 EDO R . 12.24 -20.15 4.30
C1 EDO S . 6.84 7.79 14.54
O1 EDO S . 7.79 8.84 14.53
C2 EDO S . 7.26 6.72 13.54
O2 EDO S . 6.22 5.71 13.37
#